data_6YRZ
#
_entry.id   6YRZ
#
_cell.length_a   90.470
_cell.length_b   104.560
_cell.length_c   156.900
_cell.angle_alpha   90.000
_cell.angle_beta   90.000
_cell.angle_gamma   90.000
#
_symmetry.space_group_name_H-M   'I 2 2 2'
#
loop_
_entity.id
_entity.type
_entity.pdbx_description
1 polymer 'Fatty acid photodecarboxylase, chloroplastic'
2 non-polymer 'FLAVIN-ADENINE DINUCLEOTIDE'
3 non-polymer heptadecane
4 non-polymer 'CARBON DIOXIDE'
5 non-polymer 'STEARIC ACID'
6 non-polymer 'PENTAETHYLENE GLYCOL'
7 water water
#
_entity_poly.entity_id   1
_entity_poly.type   'polypeptide(L)'
_entity_poly.pdbx_seq_one_letter_code
;SPVAGQKYDYILVGGGTAACVLANRLSADGSKRVLVLEAGPDNTSRDVKIPAAITRLFRSPLDWNLFSELQEQLAERQIY
MARGRLLGGSSATNATLYHRGAAGDYDAWGVEGWSSEDVLSWFVQAETNADFGPGAYHGSGGPMRVENPRYTNKQLHTAF
FKAAEEVGLTPNSDFNDWSHDHAGYGTFQVMQDKGTRADMYRQYLKPVLGRRNLQVLTGAAVTKVNIDQAAGKAQALGVE
FSTDGPTGERLSAELAPGGEVIMCAGAVHTPFLLKHSGVGPSAELKEFGIPVVSNLAGVGQNLQDQPACLTAAPVKEKYD
GIAISDHIYNEKGQIRKRAIASYLLGGRGGLTSTGCDRGAFVRTAGQALPDLQVRFVPGMALDPDGVSTYVRFAKFQSQG
LKWPSGITMQLIACRPQSTGSVGLKSADPFAPPKLSPGYLTDKDGADLATLRKGIHWARDVARSSALSEYLDGELFPGSG
VVSDDQIDEYIRRSIHSSNAITGTCKMGNAGDSSSVVDNQLRVHGVEGLRVVDASVVPKIPGGQTGAPVVMIAERAAALL
TGKATIGASAAAPATVAA
;
_entity_poly.pdbx_strand_id   AAA
#
# COMPACT_ATOMS: atom_id res chain seq x y z
N SER A 1 -9.97 26.93 16.09
CA SER A 1 -8.94 27.93 16.55
C SER A 1 -7.92 28.20 15.43
N PRO A 2 -7.15 27.22 14.91
CA PRO A 2 -6.36 27.47 13.70
C PRO A 2 -7.25 27.70 12.45
N VAL A 3 -8.54 27.39 12.54
CA VAL A 3 -9.52 27.55 11.42
C VAL A 3 -10.60 28.60 11.71
N ALA A 4 -10.71 29.11 12.95
CA ALA A 4 -11.69 30.14 13.34
C ALA A 4 -11.77 31.22 12.25
N GLY A 5 -12.99 31.55 11.80
CA GLY A 5 -13.25 32.68 10.89
C GLY A 5 -12.77 32.41 9.48
N GLN A 6 -12.39 31.17 9.16
CA GLN A 6 -11.82 30.80 7.83
C GLN A 6 -12.86 30.02 7.03
N LYS A 7 -12.84 30.17 5.72
CA LYS A 7 -13.69 29.39 4.79
C LYS A 7 -12.82 28.72 3.72
N TYR A 8 -13.01 27.41 3.55
CA TYR A 8 -12.16 26.59 2.65
C TYR A 8 -12.96 26.11 1.44
N ASP A 9 -12.33 26.24 0.27
CA ASP A 9 -12.81 25.71 -1.04
C ASP A 9 -12.70 24.17 -1.05
N TYR A 10 -11.68 23.60 -0.41
CA TYR A 10 -11.43 22.14 -0.33
C TYR A 10 -10.92 21.83 1.06
N ILE A 11 -11.52 20.88 1.73
CA ILE A 11 -10.96 20.31 2.97
C ILE A 11 -10.62 18.84 2.67
N LEU A 12 -9.34 18.48 2.81
CA LEU A 12 -8.84 17.08 2.67
C LEU A 12 -8.78 16.42 4.03
N VAL A 13 -9.54 15.35 4.18
CA VAL A 13 -9.57 14.51 5.39
C VAL A 13 -8.44 13.50 5.23
N GLY A 14 -7.34 13.71 5.96
CA GLY A 14 -6.11 12.90 5.83
C GLY A 14 -5.06 13.66 5.05
N GLY A 15 -3.79 13.43 5.40
CA GLY A 15 -2.67 14.02 4.66
C GLY A 15 -1.74 12.94 4.13
N GLY A 16 -2.32 11.86 3.61
CA GLY A 16 -1.56 10.71 3.08
C GLY A 16 -1.27 10.83 1.59
N THR A 17 -1.17 9.68 0.92
CA THR A 17 -0.67 9.60 -0.47
C THR A 17 -1.48 10.50 -1.43
N ALA A 18 -2.78 10.26 -1.51
CA ALA A 18 -3.73 10.99 -2.39
C ALA A 18 -3.80 12.44 -1.95
N ALA A 19 -3.91 12.71 -0.66
CA ALA A 19 -4.05 14.09 -0.11
C ALA A 19 -2.86 14.97 -0.54
N CYS A 20 -1.65 14.42 -0.57
CA CYS A 20 -0.42 15.17 -0.91
C CYS A 20 -0.52 15.60 -2.36
N VAL A 21 -1.00 14.71 -3.23
CA VAL A 21 -1.15 15.02 -4.66
C VAL A 21 -2.21 16.12 -4.79
N LEU A 22 -3.34 15.94 -4.12
CA LEU A 22 -4.47 16.91 -4.28
C LEU A 22 -4.10 18.27 -3.68
N ALA A 23 -3.46 18.28 -2.51
CA ALA A 23 -3.05 19.54 -1.85
C ALA A 23 -2.21 20.35 -2.84
N ASN A 24 -1.33 19.69 -3.57
CA ASN A 24 -0.45 20.31 -4.59
C ASN A 24 -1.28 20.82 -5.77
N ARG A 25 -2.09 19.98 -6.39
CA ARG A 25 -2.75 20.35 -7.67
C ARG A 25 -3.88 21.38 -7.42
N LEU A 26 -4.59 21.27 -6.29
CA LEU A 26 -5.79 22.10 -6.02
C LEU A 26 -5.33 23.50 -5.56
N SER A 27 -4.13 23.64 -4.99
CA SER A 27 -3.65 24.93 -4.47
C SER A 27 -2.90 25.66 -5.58
N ALA A 28 -2.71 25.03 -6.72
CA ALA A 28 -1.71 25.49 -7.72
C ALA A 28 -2.04 26.90 -8.25
N ASP A 29 -3.29 27.19 -8.61
CA ASP A 29 -3.57 28.42 -9.40
C ASP A 29 -3.71 29.64 -8.48
N GLY A 30 -3.75 29.43 -7.15
CA GLY A 30 -3.82 30.52 -6.16
C GLY A 30 -5.24 30.91 -5.82
N SER A 31 -6.23 30.47 -6.61
CA SER A 31 -7.63 30.94 -6.50
C SER A 31 -8.39 30.18 -5.40
N LYS A 32 -7.88 29.06 -4.91
CA LYS A 32 -8.64 28.19 -3.98
C LYS A 32 -7.92 28.04 -2.65
N ARG A 33 -8.65 28.12 -1.53
CA ARG A 33 -8.14 27.86 -0.17
C ARG A 33 -8.30 26.37 0.15
N VAL A 34 -7.20 25.67 0.40
CA VAL A 34 -7.18 24.20 0.69
C VAL A 34 -6.73 23.97 2.13
N LEU A 35 -7.48 23.21 2.89
CA LEU A 35 -7.06 22.75 4.21
C LEU A 35 -6.74 21.25 4.12
N VAL A 36 -5.64 20.81 4.74
CA VAL A 36 -5.30 19.37 4.94
C VAL A 36 -5.30 19.08 6.44
N LEU A 37 -6.07 18.10 6.87
CA LEU A 37 -6.12 17.65 8.28
C LEU A 37 -5.48 16.26 8.34
N GLU A 38 -4.32 16.16 8.96
CA GLU A 38 -3.62 14.87 9.17
C GLU A 38 -3.52 14.55 10.66
N ALA A 39 -3.93 13.36 11.06
CA ALA A 39 -3.90 12.91 12.46
C ALA A 39 -2.46 12.78 12.98
N GLY A 40 -1.55 12.38 12.09
CA GLY A 40 -0.17 12.05 12.46
C GLY A 40 0.68 13.30 12.44
N PRO A 41 1.99 13.17 12.74
CA PRO A 41 2.88 14.33 12.78
C PRO A 41 3.37 14.72 11.39
N ASP A 42 4.22 15.73 11.37
CA ASP A 42 4.99 16.14 10.20
C ASP A 42 5.93 14.99 9.78
N ASN A 43 6.36 15.04 8.54
CA ASN A 43 7.26 14.01 7.93
C ASN A 43 8.69 14.53 8.09
N THR A 44 9.41 14.12 9.15
CA THR A 44 10.80 14.58 9.43
C THR A 44 11.71 13.41 9.77
N SER A 45 11.15 12.26 10.04
CA SER A 45 11.91 11.09 10.58
C SER A 45 12.94 10.62 9.56
N ARG A 46 14.15 10.35 10.05
CA ARG A 46 15.20 9.75 9.19
C ARG A 46 14.80 8.29 8.88
N ASP A 47 14.00 7.63 9.73
CA ASP A 47 13.47 6.27 9.46
C ASP A 47 12.54 6.24 8.23
N VAL A 48 11.96 7.36 7.85
CA VAL A 48 11.17 7.47 6.60
C VAL A 48 12.10 7.62 5.39
N LYS A 49 13.21 8.35 5.52
CA LYS A 49 14.04 8.78 4.38
C LYS A 49 14.82 7.58 3.88
N ILE A 50 15.24 6.74 4.81
CA ILE A 50 16.18 5.60 4.49
C ILE A 50 15.34 4.36 4.20
N PRO A 51 15.33 3.84 2.95
CA PRO A 51 14.45 2.72 2.60
C PRO A 51 14.56 1.53 3.55
N ALA A 52 15.79 1.13 3.95
CA ALA A 52 15.91 -0.08 4.78
C ALA A 52 15.30 0.14 6.17
N ALA A 53 15.07 1.40 6.58
CA ALA A 53 14.50 1.69 7.91
C ALA A 53 13.00 1.44 7.89
N ILE A 54 12.46 0.89 6.80
CA ILE A 54 11.07 0.36 6.80
C ILE A 54 10.91 -0.59 7.96
N THR A 55 11.95 -1.36 8.25
CA THR A 55 11.98 -2.33 9.36
C THR A 55 11.57 -1.66 10.68
N ARG A 56 12.01 -0.43 10.90
CA ARG A 56 11.75 0.36 12.12
C ARG A 56 10.36 0.99 12.10
N LEU A 57 9.72 1.12 10.97
CA LEU A 57 8.44 1.86 10.89
C LEU A 57 7.29 0.93 11.31
N PHE A 58 7.35 -0.37 11.05
CA PHE A 58 6.31 -1.31 11.52
C PHE A 58 6.20 -1.24 13.06
N ARG A 59 4.97 -1.30 13.58
CA ARG A 59 4.67 -1.35 15.03
CA ARG A 59 4.65 -1.37 15.03
C ARG A 59 5.34 -0.20 15.77
N SER A 60 5.47 0.95 15.13
CA SER A 60 6.18 2.13 15.64
C SER A 60 5.15 3.22 15.89
N PRO A 61 5.57 4.36 16.50
CA PRO A 61 4.69 5.52 16.65
C PRO A 61 4.29 6.23 15.33
N LEU A 62 4.90 5.89 14.20
CA LEU A 62 4.50 6.43 12.88
C LEU A 62 3.52 5.49 12.13
N ASP A 63 3.03 4.47 12.81
CA ASP A 63 2.07 3.47 12.28
C ASP A 63 0.77 3.49 13.09
N TRP A 64 -0.38 3.11 12.50
CA TRP A 64 -1.65 3.05 13.26
C TRP A 64 -1.68 1.88 14.25
N ASN A 65 -0.79 0.88 14.14
CA ASN A 65 -0.81 -0.28 15.06
C ASN A 65 -2.20 -0.92 15.08
N LEU A 66 -2.78 -1.14 13.89
CA LEU A 66 -4.08 -1.82 13.72
C LEU A 66 -3.95 -3.32 13.79
N PHE A 67 -4.87 -3.96 14.51
CA PHE A 67 -5.02 -5.42 14.52
C PHE A 67 -6.44 -5.76 14.08
N SER A 68 -6.59 -6.84 13.29
CA SER A 68 -7.90 -7.33 12.83
C SER A 68 -8.64 -7.95 14.02
N GLU A 69 -9.94 -8.14 13.83
CA GLU A 69 -10.78 -9.09 14.58
C GLU A 69 -10.17 -10.47 14.49
N LEU A 70 -10.42 -11.32 15.47
CA LEU A 70 -10.02 -12.73 15.41
C LEU A 70 -10.49 -13.27 14.07
N GLN A 71 -9.63 -14.03 13.41
CA GLN A 71 -9.91 -14.66 12.11
C GLN A 71 -9.99 -16.15 12.38
N GLU A 72 -11.22 -16.69 12.43
CA GLU A 72 -11.42 -18.13 12.71
C GLU A 72 -10.75 -18.98 11.61
N GLN A 73 -10.75 -18.53 10.35
CA GLN A 73 -10.18 -19.27 9.19
C GLN A 73 -8.64 -19.25 9.20
N LEU A 74 -8.00 -18.45 10.07
CA LEU A 74 -6.51 -18.27 10.13
C LEU A 74 -6.00 -18.72 11.52
N ALA A 75 -6.48 -19.88 11.97
CA ALA A 75 -6.09 -20.51 13.24
C ALA A 75 -6.41 -19.56 14.40
N GLU A 76 -7.50 -18.81 14.31
CA GLU A 76 -8.05 -17.95 15.41
C GLU A 76 -7.04 -16.89 15.84
N ARG A 77 -6.47 -16.16 14.88
CA ARG A 77 -5.43 -15.11 15.07
C ARG A 77 -6.00 -13.74 14.71
N GLN A 78 -5.53 -12.70 15.38
CA GLN A 78 -5.68 -11.30 14.92
C GLN A 78 -4.54 -11.04 13.94
N ILE A 79 -4.79 -10.33 12.87
CA ILE A 79 -3.76 -10.01 11.85
C ILE A 79 -3.37 -8.55 11.99
N TYR A 80 -2.08 -8.30 12.08
CA TYR A 80 -1.54 -6.92 12.08
C TYR A 80 -1.68 -6.39 10.65
N MET A 81 -2.19 -5.16 10.50
CA MET A 81 -2.34 -4.45 9.21
C MET A 81 -1.68 -3.07 9.32
N ALA A 82 -0.41 -3.03 8.93
CA ALA A 82 0.39 -1.79 8.96
C ALA A 82 -0.36 -0.69 8.17
N ARG A 83 -0.23 0.54 8.62
CA ARG A 83 -0.80 1.75 7.98
C ARG A 83 0.01 2.94 8.48
N GLY A 84 0.50 3.77 7.55
CA GLY A 84 1.25 4.98 7.87
C GLY A 84 0.39 6.03 8.58
N ARG A 85 0.98 6.73 9.55
CA ARG A 85 0.32 7.83 10.30
C ARG A 85 1.27 9.04 10.44
N LEU A 86 1.30 9.88 9.40
CA LEU A 86 2.11 11.10 9.28
C LEU A 86 1.84 11.69 7.91
N LEU A 87 2.25 12.92 7.67
CA LEU A 87 2.11 13.51 6.33
C LEU A 87 2.83 12.60 5.32
N GLY A 88 2.19 12.27 4.21
CA GLY A 88 2.65 11.26 3.26
C GLY A 88 1.95 9.94 3.43
N GLY A 89 1.39 9.70 4.59
CA GLY A 89 0.62 8.49 4.90
C GLY A 89 1.43 7.23 4.67
N SER A 90 0.80 6.25 4.02
CA SER A 90 1.44 4.96 3.74
C SER A 90 2.52 5.10 2.65
N SER A 91 2.52 6.15 1.85
CA SER A 91 3.66 6.41 0.93
C SER A 91 4.94 6.64 1.76
N ALA A 92 4.85 7.08 3.03
CA ALA A 92 6.02 7.41 3.85
C ALA A 92 6.49 6.13 4.58
N THR A 93 5.71 5.03 4.55
CA THR A 93 6.02 3.81 5.34
C THR A 93 6.00 2.54 4.48
N ASN A 94 5.87 2.66 3.15
CA ASN A 94 5.66 1.49 2.28
C ASN A 94 6.99 0.93 1.75
N ALA A 95 6.92 -0.15 0.99
CA ALA A 95 8.14 -0.84 0.50
C ALA A 95 8.66 -0.22 -0.80
N THR A 96 8.05 0.86 -1.25
CA THR A 96 8.47 1.70 -2.41
C THR A 96 8.33 0.98 -3.76
N LEU A 97 7.71 -0.20 -3.86
CA LEU A 97 7.64 -0.91 -5.17
C LEU A 97 6.64 -0.19 -6.09
N TYR A 98 7.05 0.06 -7.31
CA TYR A 98 6.29 0.81 -8.30
C TYR A 98 5.61 -0.20 -9.24
N HIS A 99 4.30 -0.32 -9.09
CA HIS A 99 3.49 -1.28 -9.88
C HIS A 99 2.17 -0.64 -10.27
N ARG A 100 1.75 -0.92 -11.49
CA ARG A 100 0.44 -0.47 -12.03
C ARG A 100 -0.46 -1.68 -12.25
N GLY A 101 0.06 -2.90 -12.22
CA GLY A 101 -0.68 -4.09 -12.67
C GLY A 101 -0.72 -4.11 -14.18
N ALA A 102 -1.74 -4.76 -14.75
CA ALA A 102 -1.93 -4.99 -16.19
C ALA A 102 -3.11 -4.15 -16.70
N ALA A 103 -3.12 -3.81 -17.99
CA ALA A 103 -4.27 -3.12 -18.63
C ALA A 103 -5.62 -3.79 -18.24
N GLY A 104 -5.63 -5.12 -18.23
CA GLY A 104 -6.81 -5.96 -17.95
C GLY A 104 -7.36 -5.75 -16.55
N ASP A 105 -6.53 -5.29 -15.62
CA ASP A 105 -6.99 -4.96 -14.25
C ASP A 105 -7.97 -3.78 -14.30
N TYR A 106 -7.71 -2.77 -15.11
CA TYR A 106 -8.55 -1.52 -15.19
C TYR A 106 -9.80 -1.80 -16.05
N ASP A 107 -9.63 -2.56 -17.14
CA ASP A 107 -10.79 -3.00 -17.95
C ASP A 107 -11.74 -3.82 -17.09
N ALA A 108 -11.24 -4.60 -16.12
CA ALA A 108 -12.09 -5.49 -15.30
C ALA A 108 -12.91 -4.64 -14.32
N TRP A 109 -12.55 -3.37 -14.11
CA TRP A 109 -13.32 -2.46 -13.23
C TRP A 109 -14.72 -2.26 -13.83
N GLY A 110 -14.83 -2.27 -15.16
CA GLY A 110 -16.10 -2.06 -15.88
C GLY A 110 -16.76 -0.76 -15.46
N VAL A 111 -15.95 0.29 -15.31
CA VAL A 111 -16.44 1.63 -14.96
C VAL A 111 -16.17 2.53 -16.16
N GLU A 112 -17.26 3.16 -16.64
CA GLU A 112 -17.21 4.10 -17.77
C GLU A 112 -16.21 5.19 -17.44
N GLY A 113 -15.33 5.51 -18.37
CA GLY A 113 -14.35 6.59 -18.23
C GLY A 113 -13.08 6.16 -17.47
N TRP A 114 -12.99 4.91 -17.01
CA TRP A 114 -11.85 4.37 -16.21
C TRP A 114 -11.36 3.04 -16.80
N SER A 115 -11.36 2.92 -18.11
CA SER A 115 -10.78 1.78 -18.83
C SER A 115 -9.25 1.93 -18.78
N SER A 116 -8.54 0.90 -19.21
CA SER A 116 -7.05 0.94 -19.33
C SER A 116 -6.63 2.11 -20.22
N GLU A 117 -7.37 2.34 -21.30
CA GLU A 117 -7.01 3.42 -22.24
C GLU A 117 -7.24 4.76 -21.58
N ASP A 118 -8.21 4.84 -20.68
CA ASP A 118 -8.51 6.12 -19.99
C ASP A 118 -7.40 6.45 -18.98
N VAL A 119 -6.88 5.46 -18.25
CA VAL A 119 -6.02 5.74 -17.07
C VAL A 119 -4.55 5.91 -17.47
N LEU A 120 -4.13 5.38 -18.60
CA LEU A 120 -2.69 5.26 -18.92
C LEU A 120 -2.04 6.64 -18.90
N SER A 121 -2.65 7.66 -19.50
CA SER A 121 -1.99 8.98 -19.60
C SER A 121 -1.84 9.60 -18.20
N TRP A 122 -2.66 9.19 -17.21
CA TRP A 122 -2.57 9.70 -15.83
C TRP A 122 -1.42 9.04 -15.08
N PHE A 123 -1.12 7.77 -15.36
CA PHE A 123 0.11 7.17 -14.78
C PHE A 123 1.33 7.88 -15.37
N VAL A 124 1.31 8.10 -16.68
CA VAL A 124 2.45 8.70 -17.42
C VAL A 124 2.73 10.15 -16.96
N GLN A 125 1.67 10.94 -16.77
CA GLN A 125 1.74 12.35 -16.31
C GLN A 125 2.44 12.41 -14.94
N ALA A 126 2.19 11.43 -14.05
CA ALA A 126 2.71 11.46 -12.66
C ALA A 126 4.22 11.17 -12.60
N GLU A 127 4.78 10.57 -13.64
CA GLU A 127 6.06 9.81 -13.57
C GLU A 127 7.25 10.65 -14.05
N THR A 128 8.39 10.54 -13.35
CA THR A 128 9.76 10.73 -13.90
C THR A 128 10.56 9.43 -13.58
N ASN A 129 11.08 8.80 -14.60
CA ASN A 129 11.73 7.48 -14.46
C ASN A 129 13.22 7.63 -14.76
N ALA A 130 14.10 7.17 -13.86
CA ALA A 130 15.57 7.21 -14.07
C ALA A 130 16.01 6.20 -15.13
N ASP A 131 15.23 5.17 -15.45
CA ASP A 131 15.76 4.01 -16.20
C ASP A 131 14.95 3.78 -17.49
N PHE A 132 13.77 4.39 -17.60
CA PHE A 132 12.94 4.31 -18.83
C PHE A 132 12.75 5.72 -19.34
N GLY A 133 13.03 5.95 -20.62
CA GLY A 133 12.74 7.24 -21.25
C GLY A 133 11.29 7.35 -21.62
N PRO A 134 10.87 8.52 -22.10
CA PRO A 134 9.50 8.69 -22.56
C PRO A 134 9.09 7.66 -23.62
N GLY A 135 7.84 7.20 -23.52
CA GLY A 135 7.24 6.27 -24.49
C GLY A 135 5.78 6.07 -24.18
N ALA A 136 5.17 5.08 -24.79
CA ALA A 136 3.75 4.75 -24.58
C ALA A 136 3.51 4.53 -23.07
N TYR A 137 4.46 3.97 -22.32
CA TYR A 137 4.17 3.53 -20.94
C TYR A 137 4.95 4.33 -19.89
N HIS A 138 5.75 5.30 -20.29
CA HIS A 138 6.56 6.03 -19.31
C HIS A 138 6.57 7.53 -19.61
N GLY A 139 6.48 8.29 -18.54
CA GLY A 139 6.58 9.75 -18.61
C GLY A 139 7.93 10.22 -18.16
N SER A 140 8.27 11.43 -18.53
CA SER A 140 9.43 12.16 -18.02
C SER A 140 8.92 13.55 -17.63
N GLY A 141 9.07 13.96 -16.40
CA GLY A 141 8.62 15.31 -16.04
C GLY A 141 7.63 15.33 -14.90
N GLY A 142 7.03 14.20 -14.52
CA GLY A 142 6.05 14.21 -13.43
C GLY A 142 6.71 14.29 -12.07
N PRO A 143 5.97 14.59 -10.98
CA PRO A 143 6.61 14.77 -9.69
C PRO A 143 7.14 13.49 -9.05
N MET A 144 6.61 12.32 -9.41
CA MET A 144 7.12 11.05 -8.81
C MET A 144 8.56 10.84 -9.30
N ARG A 145 9.34 10.14 -8.50
CA ARG A 145 10.65 9.61 -8.93
C ARG A 145 10.54 8.10 -8.80
N VAL A 146 10.81 7.44 -9.91
CA VAL A 146 10.90 5.96 -10.02
C VAL A 146 12.28 5.65 -10.57
N GLU A 147 12.90 4.59 -10.06
CA GLU A 147 14.19 4.15 -10.56
C GLU A 147 14.33 2.63 -10.35
N ASN A 148 15.32 2.07 -11.02
CA ASN A 148 15.80 0.71 -10.69
C ASN A 148 16.50 0.78 -9.34
N PRO A 149 16.31 -0.25 -8.50
CA PRO A 149 16.89 -0.25 -7.16
C PRO A 149 18.40 -0.11 -7.26
N ARG A 150 19.01 0.64 -6.32
CA ARG A 150 20.45 0.95 -6.38
C ARG A 150 21.22 0.05 -5.41
N TYR A 151 20.59 -1.01 -4.88
CA TYR A 151 21.26 -2.16 -4.27
C TYR A 151 21.12 -3.36 -5.21
N THR A 152 22.19 -4.12 -5.40
CA THR A 152 22.15 -5.42 -6.10
C THR A 152 22.99 -6.39 -5.26
N ASN A 153 22.42 -7.54 -4.96
CA ASN A 153 23.14 -8.69 -4.37
C ASN A 153 23.65 -9.51 -5.56
N LYS A 154 24.94 -9.40 -5.84
CA LYS A 154 25.51 -9.93 -7.09
C LYS A 154 25.28 -11.46 -7.14
N GLN A 155 25.45 -12.17 -6.04
CA GLN A 155 25.30 -13.65 -6.08
C GLN A 155 23.82 -14.04 -6.11
N LEU A 156 23.04 -13.51 -5.19
CA LEU A 156 21.71 -14.09 -4.90
C LEU A 156 20.67 -13.55 -5.86
N HIS A 157 20.74 -12.29 -6.30
CA HIS A 157 19.74 -11.78 -7.25
C HIS A 157 19.93 -12.56 -8.56
N THR A 158 21.16 -12.66 -9.06
CA THR A 158 21.34 -13.37 -10.36
C THR A 158 20.96 -14.87 -10.21
N ALA A 159 21.23 -15.52 -9.10
CA ALA A 159 20.87 -16.94 -8.86
C ALA A 159 19.33 -17.09 -8.81
N PHE A 160 18.61 -16.16 -8.19
CA PHE A 160 17.13 -16.17 -8.30
C PHE A 160 16.71 -16.13 -9.77
N PHE A 161 17.21 -15.17 -10.57
CA PHE A 161 16.78 -15.04 -11.98
C PHE A 161 17.08 -16.33 -12.76
N LYS A 162 18.25 -16.90 -12.56
CA LYS A 162 18.63 -18.13 -13.29
C LYS A 162 17.74 -19.29 -12.85
N ALA A 163 17.39 -19.33 -11.55
CA ALA A 163 16.51 -20.38 -10.98
C ALA A 163 15.11 -20.22 -11.57
N ALA A 164 14.60 -18.99 -11.69
CA ALA A 164 13.28 -18.78 -12.29
C ALA A 164 13.29 -19.21 -13.77
N GLU A 165 14.37 -18.93 -14.49
CA GLU A 165 14.46 -19.29 -15.90
C GLU A 165 14.47 -20.81 -15.98
N GLU A 166 15.18 -21.42 -15.05
CA GLU A 166 15.39 -22.89 -15.07
C GLU A 166 14.04 -23.58 -14.90
N VAL A 167 13.17 -23.12 -14.02
CA VAL A 167 11.84 -23.75 -13.82
C VAL A 167 10.88 -23.34 -14.93
N GLY A 168 11.29 -22.51 -15.90
CA GLY A 168 10.44 -22.31 -17.10
C GLY A 168 9.73 -20.97 -17.14
N LEU A 169 10.03 -20.02 -16.25
CA LEU A 169 9.39 -18.67 -16.30
C LEU A 169 10.25 -17.81 -17.23
N THR A 170 9.64 -16.87 -17.93
CA THR A 170 10.40 -15.99 -18.85
C THR A 170 10.63 -14.64 -18.16
N PRO A 171 11.65 -13.89 -18.62
CA PRO A 171 11.98 -12.59 -18.05
C PRO A 171 10.88 -11.61 -18.46
N ASN A 172 10.57 -10.69 -17.55
CA ASN A 172 9.70 -9.52 -17.84
C ASN A 172 10.57 -8.28 -17.62
N SER A 173 10.93 -7.59 -18.71
CA SER A 173 11.83 -6.41 -18.63
C SER A 173 11.11 -5.17 -18.08
N ASP A 174 9.77 -5.17 -17.94
CA ASP A 174 9.05 -3.96 -17.51
C ASP A 174 7.65 -4.36 -17.10
N PHE A 175 7.43 -4.52 -15.80
CA PHE A 175 6.13 -5.01 -15.26
C PHE A 175 5.02 -3.98 -15.48
N ASN A 176 5.37 -2.79 -15.97
CA ASN A 176 4.39 -1.69 -16.17
C ASN A 176 4.20 -1.39 -17.67
N ASP A 177 4.84 -2.17 -18.54
CA ASP A 177 4.64 -2.08 -20.01
C ASP A 177 3.42 -2.95 -20.34
N TRP A 178 2.29 -2.30 -20.64
CA TRP A 178 1.01 -3.02 -20.89
C TRP A 178 0.99 -3.70 -22.26
N SER A 179 1.99 -3.50 -23.11
CA SER A 179 2.05 -4.17 -24.43
C SER A 179 2.60 -5.56 -24.23
N HIS A 180 3.15 -5.89 -23.09
CA HIS A 180 3.50 -7.31 -22.95
C HIS A 180 2.88 -7.91 -21.68
N ASP A 181 2.86 -9.23 -21.68
CA ASP A 181 2.11 -10.00 -20.67
C ASP A 181 2.76 -9.73 -19.29
N HIS A 182 1.96 -9.67 -18.24
CA HIS A 182 2.40 -9.32 -16.88
C HIS A 182 3.31 -10.41 -16.27
N ALA A 183 3.12 -11.67 -16.66
CA ALA A 183 3.89 -12.75 -16.03
C ALA A 183 5.38 -12.61 -16.37
N GLY A 184 6.20 -13.18 -15.50
CA GLY A 184 7.63 -13.22 -15.73
C GLY A 184 8.41 -12.80 -14.51
N TYR A 185 9.71 -13.02 -14.54
CA TYR A 185 10.64 -12.67 -13.45
C TYR A 185 11.35 -11.39 -13.79
N GLY A 186 11.77 -10.67 -12.77
CA GLY A 186 12.62 -9.51 -13.02
C GLY A 186 12.75 -8.61 -11.82
N THR A 187 13.13 -7.36 -12.10
CA THR A 187 13.41 -6.34 -11.07
C THR A 187 12.19 -5.42 -10.97
N PHE A 188 11.75 -5.17 -9.76
CA PHE A 188 10.70 -4.15 -9.50
C PHE A 188 11.40 -2.81 -9.43
N GLN A 189 10.85 -1.82 -10.14
CA GLN A 189 11.27 -0.43 -9.92
C GLN A 189 10.75 0.06 -8.58
N VAL A 190 11.37 1.13 -8.08
CA VAL A 190 11.07 1.66 -6.72
C VAL A 190 10.86 3.16 -6.80
N MET A 191 10.03 3.63 -5.90
CA MET A 191 9.69 5.07 -5.71
C MET A 191 10.74 5.69 -4.77
N GLN A 192 11.90 5.90 -5.35
CA GLN A 192 13.10 6.40 -4.66
C GLN A 192 13.79 7.38 -5.61
N ASP A 193 14.59 8.26 -5.02
CA ASP A 193 15.34 9.29 -5.78
C ASP A 193 16.80 9.17 -5.36
N LYS A 194 17.61 8.49 -6.18
CA LYS A 194 18.98 8.09 -5.82
C LYS A 194 19.02 7.40 -4.45
N GLY A 195 18.13 6.46 -4.18
CA GLY A 195 18.21 5.64 -2.96
C GLY A 195 17.57 6.23 -1.71
N THR A 196 17.01 7.43 -1.74
CA THR A 196 16.18 8.00 -0.66
C THR A 196 14.71 7.84 -1.01
N ARG A 197 13.88 7.59 -0.02
CA ARG A 197 12.44 7.35 -0.26
C ARG A 197 11.86 8.58 -0.94
N ALA A 198 11.10 8.41 -2.02
CA ALA A 198 10.47 9.52 -2.78
C ALA A 198 8.95 9.43 -2.56
N ASP A 199 8.54 9.62 -1.31
CA ASP A 199 7.12 9.50 -0.88
C ASP A 199 6.37 10.77 -1.36
N MET A 200 5.06 10.75 -1.29
CA MET A 200 4.26 11.83 -1.92
C MET A 200 4.32 13.11 -1.07
N TYR A 201 4.75 13.03 0.19
CA TYR A 201 5.04 14.26 0.96
C TYR A 201 6.26 14.97 0.34
N ARG A 202 7.36 14.23 0.18
CA ARG A 202 8.58 14.78 -0.44
C ARG A 202 8.30 15.25 -1.86
N GLN A 203 7.52 14.52 -2.66
CA GLN A 203 7.45 14.83 -4.12
C GLN A 203 6.38 15.88 -4.42
N TYR A 204 5.25 15.89 -3.69
CA TYR A 204 4.08 16.76 -4.02
C TYR A 204 3.87 17.85 -2.96
N LEU A 205 3.87 17.53 -1.68
CA LEU A 205 3.37 18.49 -0.65
C LEU A 205 4.50 19.40 -0.21
N LYS A 206 5.63 18.84 0.20
CA LYS A 206 6.72 19.64 0.83
C LYS A 206 7.12 20.77 -0.12
N PRO A 207 7.28 20.58 -1.46
CA PRO A 207 7.70 21.67 -2.30
C PRO A 207 6.70 22.85 -2.40
N VAL A 208 5.45 22.75 -1.94
CA VAL A 208 4.46 23.87 -2.16
C VAL A 208 3.93 24.41 -0.84
N LEU A 209 4.53 24.03 0.28
CA LEU A 209 4.03 24.42 1.61
C LEU A 209 4.14 25.94 1.78
N GLY A 210 4.95 26.62 0.96
CA GLY A 210 5.04 28.10 0.93
C GLY A 210 3.79 28.80 0.43
N ARG A 211 2.88 28.11 -0.25
CA ARG A 211 1.68 28.70 -0.89
C ARG A 211 0.72 29.25 0.17
N ARG A 212 0.30 30.50 0.00
CA ARG A 212 -0.52 31.23 0.99
C ARG A 212 -1.88 30.55 1.12
N ASN A 213 -2.36 29.98 0.03
CA ASN A 213 -3.74 29.45 -0.06
C ASN A 213 -3.82 27.99 0.43
N LEU A 214 -2.73 27.45 1.00
CA LEU A 214 -2.64 26.04 1.48
C LEU A 214 -2.30 26.04 2.98
N GLN A 215 -3.14 25.42 3.80
CA GLN A 215 -2.94 25.30 5.24
C GLN A 215 -2.95 23.80 5.58
N VAL A 216 -1.88 23.33 6.19
CA VAL A 216 -1.74 21.91 6.60
C VAL A 216 -1.67 21.83 8.12
N LEU A 217 -2.58 21.11 8.74
CA LEU A 217 -2.54 20.87 10.19
C LEU A 217 -2.19 19.41 10.43
N THR A 218 -1.23 19.14 11.33
CA THR A 218 -0.85 17.80 11.76
C THR A 218 -1.39 17.66 13.18
N GLY A 219 -1.37 16.48 13.74
CA GLY A 219 -1.97 16.21 15.05
C GLY A 219 -3.44 16.63 15.06
N ALA A 220 -4.10 16.56 13.90
CA ALA A 220 -5.51 16.94 13.69
C ALA A 220 -6.33 15.71 13.31
N ALA A 221 -6.96 15.05 14.29
CA ALA A 221 -7.80 13.85 14.12
C ALA A 221 -9.21 14.27 13.71
N VAL A 222 -9.62 13.98 12.48
CA VAL A 222 -11.04 14.15 12.03
C VAL A 222 -11.93 13.15 12.78
N THR A 223 -13.09 13.62 13.23
CA THR A 223 -14.05 12.82 14.02
C THR A 223 -15.30 12.58 13.17
N LYS A 224 -15.66 13.54 12.29
CA LYS A 224 -16.72 13.29 11.28
C LYS A 224 -16.76 14.42 10.28
N VAL A 225 -17.41 14.15 9.14
CA VAL A 225 -17.80 15.20 8.18
C VAL A 225 -19.14 15.75 8.72
N ASN A 226 -19.25 17.07 8.83
CA ASN A 226 -20.55 17.75 9.12
C ASN A 226 -21.37 17.81 7.84
N ILE A 227 -22.53 17.18 7.86
CA ILE A 227 -23.50 17.13 6.73
C ILE A 227 -24.85 17.74 7.17
N ASP A 228 -25.37 18.72 6.44
CA ASP A 228 -26.71 19.32 6.68
C ASP A 228 -27.77 18.54 5.90
N GLN A 229 -28.92 18.20 6.50
CA GLN A 229 -30.20 17.97 5.73
C GLN A 229 -31.14 19.14 5.94
N ALA A 234 -28.91 16.64 1.37
CA ALA A 234 -27.74 16.30 2.22
C ALA A 234 -26.50 16.96 1.62
N GLN A 235 -25.92 17.88 2.37
CA GLN A 235 -24.91 18.84 1.87
C GLN A 235 -23.78 18.85 2.90
N ALA A 236 -22.56 18.53 2.49
CA ALA A 236 -21.37 18.63 3.38
C ALA A 236 -21.18 20.11 3.73
N LEU A 237 -20.96 20.38 5.01
CA LEU A 237 -20.71 21.75 5.54
C LEU A 237 -19.21 21.97 5.81
N GLY A 238 -18.51 20.88 6.08
CA GLY A 238 -17.11 20.92 6.51
C GLY A 238 -16.81 19.76 7.42
N VAL A 239 -15.81 19.92 8.28
CA VAL A 239 -15.42 18.76 9.11
C VAL A 239 -15.07 19.17 10.54
N GLU A 240 -15.38 18.25 11.43
CA GLU A 240 -15.10 18.28 12.86
C GLU A 240 -13.82 17.51 13.13
N PHE A 241 -12.99 18.03 14.01
CA PHE A 241 -11.70 17.43 14.37
C PHE A 241 -11.20 17.95 15.70
N SER A 242 -10.29 17.20 16.32
CA SER A 242 -9.60 17.56 17.59
C SER A 242 -8.11 17.70 17.33
N THR A 243 -7.48 18.78 17.80
CA THR A 243 -6.00 18.91 17.76
C THR A 243 -5.39 18.41 19.06
N ASP A 244 -6.16 17.78 19.94
CA ASP A 244 -5.60 17.36 21.26
C ASP A 244 -6.15 16.00 21.71
N GLY A 245 -6.31 15.07 20.78
CA GLY A 245 -6.77 13.69 21.06
C GLY A 245 -8.22 13.64 21.52
N PRO A 246 -8.64 12.53 22.15
CA PRO A 246 -10.02 12.31 22.57
C PRO A 246 -10.62 13.46 23.40
N THR A 247 -9.83 14.04 24.30
CA THR A 247 -10.27 15.03 25.31
C THR A 247 -10.27 16.44 24.70
N GLY A 248 -9.67 16.62 23.52
CA GLY A 248 -9.60 17.92 22.83
C GLY A 248 -10.97 18.47 22.52
N GLU A 249 -11.10 19.79 22.41
CA GLU A 249 -12.32 20.49 21.93
C GLU A 249 -12.59 20.08 20.49
N ARG A 250 -13.83 19.75 20.13
CA ARG A 250 -14.20 19.49 18.72
C ARG A 250 -14.24 20.85 18.01
N LEU A 251 -13.30 21.12 17.11
CA LEU A 251 -13.31 22.29 16.21
C LEU A 251 -14.06 21.90 14.93
N SER A 252 -14.53 22.88 14.18
CA SER A 252 -15.19 22.69 12.86
C SER A 252 -14.49 23.61 11.89
N ALA A 253 -13.91 23.06 10.82
CA ALA A 253 -13.51 23.84 9.63
C ALA A 253 -14.73 23.90 8.71
N GLU A 254 -14.95 25.05 8.08
CA GLU A 254 -16.20 25.32 7.35
C GLU A 254 -15.88 25.51 5.88
N LEU A 255 -16.71 24.92 5.01
CA LEU A 255 -16.60 25.17 3.55
C LEU A 255 -17.09 26.58 3.22
N ALA A 256 -16.44 27.21 2.24
CA ALA A 256 -16.96 28.34 1.47
C ALA A 256 -18.13 27.81 0.66
N PRO A 257 -19.05 28.68 0.21
CA PRO A 257 -20.00 28.31 -0.84
C PRO A 257 -19.32 27.63 -2.03
N GLY A 258 -19.85 26.48 -2.46
CA GLY A 258 -19.34 25.73 -3.63
C GLY A 258 -18.19 24.80 -3.27
N GLY A 259 -17.78 24.75 -2.01
CA GLY A 259 -16.59 23.99 -1.56
C GLY A 259 -16.90 22.52 -1.40
N GLU A 260 -15.87 21.69 -1.26
CA GLU A 260 -16.05 20.23 -1.16
C GLU A 260 -15.11 19.68 -0.12
N VAL A 261 -15.61 18.75 0.68
CA VAL A 261 -14.80 17.83 1.51
C VAL A 261 -14.35 16.67 0.59
N ILE A 262 -13.06 16.38 0.61
CA ILE A 262 -12.49 15.19 -0.09
C ILE A 262 -11.96 14.24 0.98
N MET A 263 -12.43 13.01 1.00
CA MET A 263 -12.01 11.98 1.96
C MET A 263 -10.69 11.39 1.40
N CYS A 264 -9.62 11.47 2.19
CA CYS A 264 -8.26 11.00 1.79
C CYS A 264 -7.63 10.20 2.93
N ALA A 265 -8.45 9.55 3.77
CA ALA A 265 -8.05 8.87 5.00
C ALA A 265 -7.69 7.40 4.70
N GLY A 266 -7.78 6.99 3.42
CA GLY A 266 -7.41 5.65 2.94
C GLY A 266 -8.50 4.63 3.17
N ALA A 267 -8.22 3.40 2.74
CA ALA A 267 -9.19 2.31 2.60
C ALA A 267 -9.59 1.76 3.96
N VAL A 268 -8.83 2.02 5.01
CA VAL A 268 -9.23 1.67 6.41
C VAL A 268 -10.07 2.81 6.99
N HIS A 269 -9.53 4.02 7.08
CA HIS A 269 -10.10 5.14 7.86
C HIS A 269 -11.16 5.93 7.08
N THR A 270 -11.16 5.98 5.74
CA THR A 270 -12.24 6.70 5.01
C THR A 270 -13.60 6.05 5.30
N PRO A 271 -13.83 4.76 5.08
CA PRO A 271 -15.16 4.20 5.34
C PRO A 271 -15.53 4.27 6.84
N PHE A 272 -14.55 4.11 7.71
CA PHE A 272 -14.71 4.38 9.18
C PHE A 272 -15.28 5.78 9.42
N LEU A 273 -14.66 6.81 8.85
CA LEU A 273 -15.10 8.21 9.06
C LEU A 273 -16.45 8.49 8.38
N LEU A 274 -16.68 7.92 7.21
CA LEU A 274 -18.01 8.03 6.56
C LEU A 274 -19.10 7.48 7.50
N LYS A 275 -18.93 6.29 8.01
CA LYS A 275 -19.89 5.63 8.93
C LYS A 275 -20.13 6.59 10.11
N HIS A 276 -19.08 7.14 10.72
CA HIS A 276 -19.21 8.11 11.86
C HIS A 276 -19.95 9.38 11.44
N SER A 277 -20.05 9.65 10.14
CA SER A 277 -20.70 10.84 9.56
C SER A 277 -22.13 10.50 9.08
N GLY A 278 -22.61 9.26 9.27
CA GLY A 278 -23.97 8.88 8.83
C GLY A 278 -24.02 8.39 7.37
N VAL A 279 -22.87 8.05 6.76
CA VAL A 279 -22.78 7.47 5.39
C VAL A 279 -22.33 6.01 5.50
N GLY A 280 -23.25 5.08 5.26
CA GLY A 280 -22.94 3.66 5.53
C GLY A 280 -24.22 2.87 5.72
N PRO A 281 -24.10 1.55 5.94
CA PRO A 281 -25.29 0.68 6.03
C PRO A 281 -26.09 1.07 7.28
N SER A 282 -27.37 1.37 7.11
CA SER A 282 -28.18 1.97 8.21
C SER A 282 -28.13 1.07 9.45
N ALA A 283 -28.13 -0.27 9.35
CA ALA A 283 -28.09 -1.16 10.53
C ALA A 283 -26.80 -0.92 11.34
N GLU A 284 -25.66 -0.75 10.67
CA GLU A 284 -24.35 -0.52 11.33
C GLU A 284 -24.37 0.83 12.05
N LEU A 285 -24.94 1.86 11.43
CA LEU A 285 -24.99 3.19 12.05
C LEU A 285 -25.96 3.15 13.24
N LYS A 286 -27.10 2.48 13.12
CA LYS A 286 -28.14 2.48 14.20
C LYS A 286 -27.56 1.81 15.44
N GLU A 287 -26.83 0.71 15.27
CA GLU A 287 -26.09 -0.03 16.35
C GLU A 287 -25.45 0.94 17.35
N PHE A 288 -24.98 2.10 16.92
CA PHE A 288 -24.16 3.07 17.71
C PHE A 288 -24.84 4.43 17.75
N GLY A 289 -26.12 4.51 17.36
CA GLY A 289 -26.93 5.73 17.54
C GLY A 289 -26.50 6.84 16.61
N ILE A 290 -25.92 6.51 15.46
CA ILE A 290 -25.50 7.53 14.47
C ILE A 290 -26.71 7.73 13.55
N PRO A 291 -27.17 8.96 13.34
CA PRO A 291 -28.22 9.20 12.36
C PRO A 291 -27.75 8.86 10.94
N VAL A 292 -28.61 8.20 10.15
CA VAL A 292 -28.34 7.81 8.74
C VAL A 292 -28.59 9.00 7.83
N VAL A 293 -27.57 9.45 7.13
CA VAL A 293 -27.62 10.57 6.16
C VAL A 293 -27.67 9.95 4.76
N SER A 294 -27.07 8.76 4.56
CA SER A 294 -27.03 8.09 3.24
C SER A 294 -26.83 6.60 3.46
N ASN A 295 -27.86 5.81 3.16
CA ASN A 295 -27.86 4.35 3.46
C ASN A 295 -27.12 3.75 2.27
N LEU A 296 -25.81 3.49 2.42
CA LEU A 296 -24.97 2.94 1.34
C LEU A 296 -24.40 1.62 1.83
N ALA A 297 -24.93 0.51 1.35
CA ALA A 297 -24.55 -0.85 1.78
C ALA A 297 -23.04 -1.06 1.56
N GLY A 298 -22.42 -0.41 0.56
CA GLY A 298 -21.05 -0.82 0.16
C GLY A 298 -19.97 -0.16 1.03
N VAL A 299 -20.32 0.82 1.85
CA VAL A 299 -19.29 1.48 2.72
C VAL A 299 -18.70 0.45 3.68
N GLY A 300 -17.40 0.21 3.54
CA GLY A 300 -16.64 -0.75 4.34
C GLY A 300 -16.71 -2.17 3.82
N GLN A 301 -17.47 -2.45 2.79
CA GLN A 301 -17.49 -3.79 2.18
C GLN A 301 -16.41 -3.82 1.08
N ASN A 302 -16.22 -4.96 0.43
CA ASN A 302 -15.33 -5.10 -0.75
C ASN A 302 -13.86 -4.79 -0.34
N LEU A 303 -13.47 -5.03 0.91
CA LEU A 303 -12.05 -4.82 1.32
C LEU A 303 -11.20 -5.89 0.65
N GLN A 304 -10.27 -5.47 -0.20
CA GLN A 304 -9.38 -6.38 -0.90
C GLN A 304 -7.98 -6.12 -0.38
N ASP A 305 -7.31 -7.18 0.03
CA ASP A 305 -5.91 -7.11 0.47
C ASP A 305 -5.23 -8.36 -0.08
N GLN A 306 -3.94 -8.23 -0.32
CA GLN A 306 -3.15 -9.32 -0.95
C GLN A 306 -2.41 -10.06 0.16
N PRO A 307 -2.86 -11.27 0.53
CA PRO A 307 -2.21 -12.04 1.60
C PRO A 307 -0.91 -12.72 1.15
N ALA A 308 -0.02 -12.99 2.09
CA ALA A 308 1.33 -13.47 1.85
C ALA A 308 1.63 -14.61 2.81
N CYS A 309 2.51 -15.48 2.37
CA CYS A 309 3.23 -16.48 3.21
C CYS A 309 4.66 -16.53 2.66
N LEU A 310 5.56 -17.31 3.23
CA LEU A 310 6.95 -17.29 2.70
C LEU A 310 7.62 -18.64 2.88
N THR A 311 8.68 -18.81 2.11
CA THR A 311 9.69 -19.87 2.33
C THR A 311 11.00 -19.18 2.67
N ALA A 312 11.91 -19.86 3.35
CA ALA A 312 13.24 -19.31 3.68
C ALA A 312 14.21 -20.48 3.76
N ALA A 313 15.44 -20.22 3.37
CA ALA A 313 16.51 -21.23 3.34
C ALA A 313 17.84 -20.57 3.65
N PRO A 314 18.71 -21.24 4.44
CA PRO A 314 20.06 -20.74 4.65
C PRO A 314 20.98 -21.09 3.47
N VAL A 315 22.05 -20.31 3.34
CA VAL A 315 23.13 -20.61 2.38
C VAL A 315 24.07 -21.60 3.08
N LYS A 316 24.89 -22.27 2.30
CA LYS A 316 26.03 -23.10 2.76
C LYS A 316 27.00 -22.27 3.59
N GLU A 317 27.77 -22.93 4.45
CA GLU A 317 28.75 -22.23 5.33
C GLU A 317 29.74 -21.43 4.45
N LYS A 318 30.17 -21.96 3.30
CA LYS A 318 31.16 -21.23 2.49
C LYS A 318 30.57 -19.92 1.97
N TYR A 319 29.24 -19.76 1.93
CA TYR A 319 28.63 -18.51 1.46
C TYR A 319 28.17 -17.63 2.61
N ASP A 320 28.57 -17.95 3.83
CA ASP A 320 28.25 -17.08 5.00
C ASP A 320 28.74 -15.66 4.65
N GLY A 321 27.91 -14.61 4.86
CA GLY A 321 28.26 -13.20 4.68
C GLY A 321 27.79 -12.60 3.37
N ILE A 322 27.08 -13.32 2.49
CA ILE A 322 26.77 -12.75 1.15
C ILE A 322 25.36 -12.13 1.12
N ALA A 323 24.60 -12.24 2.20
CA ALA A 323 23.19 -11.81 2.26
C ALA A 323 23.10 -10.30 2.55
N ILE A 324 21.94 -9.71 2.25
CA ILE A 324 21.68 -8.28 2.57
C ILE A 324 21.76 -8.05 4.09
N SER A 325 21.37 -9.01 4.92
CA SER A 325 21.55 -8.92 6.39
C SER A 325 23.04 -8.71 6.74
N ASP A 326 23.94 -9.33 6.00
CA ASP A 326 25.41 -9.17 6.17
C ASP A 326 25.87 -7.81 5.63
N HIS A 327 25.15 -7.24 4.66
CA HIS A 327 25.49 -5.93 4.06
C HIS A 327 25.04 -4.81 5.00
N ILE A 328 24.04 -5.04 5.85
CA ILE A 328 23.50 -3.96 6.71
C ILE A 328 24.10 -4.08 8.11
N TYR A 329 24.19 -5.28 8.66
CA TYR A 329 24.75 -5.49 10.02
C TYR A 329 26.06 -6.26 9.93
N ASN A 330 27.02 -5.93 10.82
CA ASN A 330 28.17 -6.83 11.07
C ASN A 330 27.71 -7.95 12.03
N GLU A 331 28.59 -8.86 12.45
CA GLU A 331 28.23 -10.06 13.23
C GLU A 331 27.85 -9.74 14.70
N LYS A 332 27.90 -8.49 15.15
CA LYS A 332 27.43 -8.05 16.49
C LYS A 332 26.21 -7.11 16.39
N GLY A 333 25.61 -6.93 15.21
CA GLY A 333 24.39 -6.13 15.04
C GLY A 333 24.65 -4.62 14.96
N GLN A 334 25.84 -4.26 14.52
CA GLN A 334 26.23 -2.85 14.27
C GLN A 334 26.00 -2.56 12.79
N ILE A 335 25.44 -1.40 12.47
CA ILE A 335 25.25 -0.95 11.07
C ILE A 335 26.63 -0.81 10.43
N ARG A 336 26.81 -1.42 9.28
CA ARG A 336 28.13 -1.45 8.62
C ARG A 336 28.48 -0.06 8.15
N LYS A 337 29.73 0.27 8.35
CA LYS A 337 30.32 1.51 7.85
C LYS A 337 30.15 1.57 6.33
N ARG A 338 30.44 0.50 5.63
CA ARG A 338 30.36 0.48 4.15
C ARG A 338 28.93 0.84 3.71
N ALA A 339 27.92 0.33 4.40
CA ALA A 339 26.51 0.62 4.02
C ALA A 339 26.20 2.10 4.25
N ILE A 340 26.63 2.65 5.39
CA ILE A 340 26.39 4.10 5.65
C ILE A 340 27.08 4.96 4.59
N ALA A 341 28.33 4.65 4.27
CA ALA A 341 29.17 5.42 3.31
C ALA A 341 28.54 5.33 1.93
N SER A 342 28.08 4.14 1.51
CA SER A 342 27.52 3.96 0.15
C SER A 342 26.24 4.77 0.02
N TYR A 343 25.44 4.77 1.09
CA TYR A 343 24.16 5.52 1.10
C TYR A 343 24.46 7.02 1.00
N LEU A 344 25.38 7.53 1.81
CA LEU A 344 25.59 9.01 1.86
C LEU A 344 26.40 9.48 0.66
N LEU A 345 27.31 8.70 0.13
CA LEU A 345 28.24 9.14 -0.94
C LEU A 345 27.50 9.09 -2.27
N GLY A 346 26.80 8.02 -2.60
CA GLY A 346 26.14 7.99 -3.92
C GLY A 346 24.73 7.42 -3.91
N GLY A 347 24.09 7.26 -2.75
CA GLY A 347 22.74 6.66 -2.71
C GLY A 347 22.75 5.25 -3.25
N ARG A 348 23.66 4.43 -2.76
CA ARG A 348 23.75 3.01 -3.19
C ARG A 348 23.88 2.12 -1.95
N GLY A 349 23.73 0.81 -2.18
CA GLY A 349 24.07 -0.22 -1.20
C GLY A 349 22.88 -0.60 -0.36
N GLY A 350 23.10 -1.41 0.68
CA GLY A 350 21.99 -2.08 1.35
C GLY A 350 20.97 -1.15 1.98
N LEU A 351 21.35 0.04 2.47
CA LEU A 351 20.35 0.91 3.15
C LEU A 351 19.33 1.48 2.13
N THR A 352 19.61 1.42 0.82
CA THR A 352 18.65 1.87 -0.22
C THR A 352 17.59 0.77 -0.47
N SER A 353 17.70 -0.44 0.09
CA SER A 353 16.81 -1.58 -0.23
C SER A 353 15.68 -1.67 0.81
N THR A 354 14.46 -1.97 0.36
CA THR A 354 13.35 -2.45 1.25
C THR A 354 13.34 -3.99 1.26
N GLY A 355 14.25 -4.60 0.52
CA GLY A 355 14.55 -6.04 0.57
C GLY A 355 13.82 -6.83 -0.52
N CYS A 356 12.60 -6.46 -0.87
CA CYS A 356 11.64 -7.32 -1.60
C CYS A 356 11.36 -6.75 -3.00
N ASP A 357 12.39 -6.28 -3.68
CA ASP A 357 12.24 -5.54 -4.95
C ASP A 357 12.67 -6.34 -6.18
N ARG A 358 12.90 -7.64 -6.05
CA ARG A 358 13.06 -8.58 -7.20
C ARG A 358 12.01 -9.66 -7.03
N GLY A 359 11.51 -10.18 -8.14
CA GLY A 359 10.47 -11.20 -8.00
C GLY A 359 9.87 -11.56 -9.32
N ALA A 360 8.65 -11.97 -9.26
CA ALA A 360 7.96 -12.56 -10.42
C ALA A 360 6.47 -12.38 -10.29
N PHE A 361 5.80 -12.46 -11.43
CA PHE A 361 4.34 -12.70 -11.44
C PHE A 361 4.13 -14.02 -12.16
N VAL A 362 3.27 -14.84 -11.59
CA VAL A 362 3.13 -16.25 -12.07
C VAL A 362 1.66 -16.58 -12.17
N ARG A 363 1.28 -17.36 -13.21
CA ARG A 363 -0.06 -17.98 -13.28
C ARG A 363 0.09 -19.38 -12.66
N THR A 364 -0.60 -19.71 -11.58
CA THR A 364 -0.51 -21.05 -10.98
C THR A 364 -1.33 -22.08 -11.78
N ALA A 365 -2.32 -21.68 -12.55
CA ALA A 365 -3.27 -22.61 -13.19
C ALA A 365 -3.90 -21.98 -14.42
N GLY A 366 -3.17 -21.39 -15.35
CA GLY A 366 -3.85 -20.94 -16.59
C GLY A 366 -4.91 -19.82 -16.47
N GLN A 367 -4.84 -18.97 -15.45
CA GLN A 367 -5.68 -17.77 -15.27
C GLN A 367 -5.44 -16.76 -16.39
N ALA A 368 -6.40 -15.86 -16.63
CA ALA A 368 -6.29 -14.78 -17.63
C ALA A 368 -5.11 -13.88 -17.23
N LEU A 369 -4.95 -13.58 -15.93
CA LEU A 369 -3.80 -12.77 -15.42
C LEU A 369 -3.14 -13.52 -14.28
N PRO A 370 -1.84 -13.25 -14.00
CA PRO A 370 -1.16 -13.92 -12.89
C PRO A 370 -1.94 -13.76 -11.56
N ASP A 371 -2.06 -14.87 -10.86
CA ASP A 371 -2.66 -14.89 -9.49
C ASP A 371 -1.58 -14.76 -8.39
N LEU A 372 -0.35 -15.01 -8.69
CA LEU A 372 0.75 -15.11 -7.70
C LEU A 372 1.80 -14.06 -7.99
N GLN A 373 2.16 -13.28 -6.98
CA GLN A 373 3.39 -12.45 -7.01
C GLN A 373 4.42 -13.07 -6.06
N VAL A 374 5.61 -13.20 -6.54
CA VAL A 374 6.75 -13.65 -5.71
C VAL A 374 7.65 -12.46 -5.45
N ARG A 375 8.02 -12.27 -4.19
CA ARG A 375 9.05 -11.26 -3.83
C ARG A 375 10.23 -12.03 -3.24
N PHE A 376 11.35 -11.99 -3.96
CA PHE A 376 12.63 -12.63 -3.56
C PHE A 376 13.37 -11.65 -2.66
N VAL A 377 13.83 -12.10 -1.51
CA VAL A 377 14.66 -11.29 -0.58
C VAL A 377 15.99 -12.00 -0.39
N PRO A 378 17.14 -11.34 -0.66
CA PRO A 378 18.45 -11.96 -0.42
C PRO A 378 18.90 -11.89 1.04
N GLY A 379 17.98 -12.27 1.90
CA GLY A 379 18.14 -12.43 3.35
C GLY A 379 17.14 -13.42 3.86
N MET A 380 17.39 -13.99 5.02
CA MET A 380 16.64 -15.15 5.50
C MET A 380 15.68 -14.72 6.62
N ALA A 381 14.39 -14.95 6.41
CA ALA A 381 13.34 -14.76 7.45
C ALA A 381 13.68 -15.69 8.62
N LEU A 382 13.52 -15.17 9.83
CA LEU A 382 13.63 -15.96 11.08
C LEU A 382 12.25 -16.20 11.68
N ASP A 383 11.21 -15.68 11.04
CA ASP A 383 9.78 -15.89 11.39
C ASP A 383 9.02 -16.21 10.12
N PRO A 384 8.00 -17.10 10.15
CA PRO A 384 7.22 -17.38 8.95
C PRO A 384 6.33 -16.17 8.58
N ASP A 385 6.17 -15.26 9.53
CA ASP A 385 5.48 -13.96 9.29
C ASP A 385 6.55 -12.93 8.88
N GLY A 386 6.57 -12.52 7.61
CA GLY A 386 7.63 -11.61 7.10
C GLY A 386 7.59 -10.23 7.71
N VAL A 387 6.40 -9.73 8.05
CA VAL A 387 6.32 -8.42 8.75
C VAL A 387 6.94 -8.55 10.16
N SER A 388 6.62 -9.62 10.89
CA SER A 388 7.21 -9.85 12.23
C SER A 388 8.73 -9.93 12.09
N THR A 389 9.25 -10.52 11.03
CA THR A 389 10.70 -10.74 10.92
C THR A 389 11.34 -9.38 10.60
N TYR A 390 10.66 -8.46 9.89
CA TYR A 390 11.20 -7.09 9.70
C TYR A 390 11.28 -6.34 11.03
N VAL A 391 10.26 -6.45 11.85
CA VAL A 391 10.31 -5.90 13.24
C VAL A 391 11.49 -6.54 13.99
N ARG A 392 11.64 -7.86 13.96
CA ARG A 392 12.80 -8.53 14.60
C ARG A 392 14.11 -7.93 14.07
N PHE A 393 14.24 -7.76 12.75
CA PHE A 393 15.49 -7.22 12.16
C PHE A 393 15.82 -5.81 12.73
N ALA A 394 14.83 -4.91 12.85
CA ALA A 394 15.02 -3.56 13.43
C ALA A 394 15.48 -3.69 14.89
N LYS A 395 14.87 -4.60 15.65
CA LYS A 395 15.19 -4.80 17.08
C LYS A 395 16.52 -5.51 17.23
N PHE A 396 17.06 -6.10 16.16
CA PHE A 396 18.31 -6.89 16.25
C PHE A 396 19.52 -5.98 16.46
N GLN A 397 19.41 -4.70 16.10
CA GLN A 397 20.57 -3.77 16.06
C GLN A 397 21.21 -3.73 17.46
N SER A 398 22.51 -3.97 17.54
CA SER A 398 23.32 -3.77 18.77
C SER A 398 23.10 -4.91 19.76
N GLN A 399 22.47 -6.03 19.38
CA GLN A 399 22.23 -7.12 20.34
C GLN A 399 23.47 -8.02 20.45
N GLY A 400 24.48 -7.82 19.60
CA GLY A 400 25.72 -8.62 19.62
C GLY A 400 25.54 -10.00 19.02
N LEU A 401 24.55 -10.17 18.13
CA LEU A 401 24.24 -11.47 17.53
C LEU A 401 24.43 -11.41 16.00
N LYS A 402 24.62 -12.58 15.41
CA LYS A 402 24.84 -12.75 13.95
C LYS A 402 23.51 -13.26 13.36
N TRP A 403 22.90 -12.48 12.46
CA TRP A 403 21.74 -12.92 11.66
C TRP A 403 22.21 -13.94 10.62
N PRO A 404 21.66 -15.16 10.59
CA PRO A 404 22.18 -16.15 9.65
C PRO A 404 21.91 -15.81 8.19
N SER A 405 22.91 -16.01 7.34
CA SER A 405 22.81 -15.70 5.89
C SER A 405 21.86 -16.68 5.18
N GLY A 406 20.95 -16.18 4.35
CA GLY A 406 20.10 -17.00 3.48
C GLY A 406 19.16 -16.16 2.64
N ILE A 407 18.07 -16.78 2.19
CA ILE A 407 17.11 -16.12 1.27
C ILE A 407 15.71 -16.34 1.77
N THR A 408 14.79 -15.54 1.24
CA THR A 408 13.36 -15.68 1.48
C THR A 408 12.66 -15.52 0.14
N MET A 409 11.59 -16.29 -0.04
CA MET A 409 10.62 -16.02 -1.10
C MET A 409 9.28 -15.79 -0.44
N GLN A 410 8.76 -14.58 -0.63
CA GLN A 410 7.41 -14.24 -0.17
C GLN A 410 6.42 -14.50 -1.31
N LEU A 411 5.36 -15.21 -0.99
CA LEU A 411 4.33 -15.62 -1.97
C LEU A 411 3.11 -14.78 -1.68
N ILE A 412 2.56 -14.13 -2.68
CA ILE A 412 1.42 -13.19 -2.51
C ILE A 412 0.30 -13.59 -3.45
N ALA A 413 -0.94 -13.65 -2.96
CA ALA A 413 -2.13 -13.76 -3.82
C ALA A 413 -2.48 -12.32 -4.31
N CYS A 414 -2.00 -11.94 -5.51
CA CYS A 414 -1.96 -10.54 -5.99
C CYS A 414 -3.30 -10.12 -6.60
N ARG A 415 -4.16 -11.06 -7.02
CA ARG A 415 -5.49 -10.72 -7.61
C ARG A 415 -6.52 -11.59 -6.87
N PRO A 416 -6.64 -11.38 -5.55
CA PRO A 416 -7.36 -12.32 -4.68
C PRO A 416 -8.85 -12.30 -4.97
N GLN A 417 -9.49 -13.45 -4.67
CA GLN A 417 -10.96 -13.61 -4.79
C GLN A 417 -11.64 -13.30 -3.46
N SER A 418 -10.95 -13.37 -2.34
CA SER A 418 -11.55 -13.16 -0.99
C SER A 418 -11.77 -11.67 -0.73
N THR A 419 -12.77 -11.31 0.06
CA THR A 419 -13.01 -9.92 0.49
C THR A 419 -13.25 -9.88 2.00
N GLY A 420 -12.98 -8.71 2.59
CA GLY A 420 -13.20 -8.44 4.00
C GLY A 420 -14.04 -7.21 4.20
N SER A 421 -13.90 -6.55 5.35
CA SER A 421 -14.74 -5.39 5.76
C SER A 421 -14.07 -4.56 6.85
N VAL A 422 -14.44 -3.29 6.87
CA VAL A 422 -14.11 -2.26 7.88
C VAL A 422 -15.43 -1.73 8.42
N GLY A 423 -15.61 -1.72 9.74
CA GLY A 423 -16.79 -1.10 10.34
C GLY A 423 -16.50 -0.54 11.72
N LEU A 424 -17.53 -0.47 12.58
CA LEU A 424 -17.42 0.20 13.90
C LEU A 424 -17.50 -0.85 15.00
N LYS A 425 -16.70 -0.69 16.04
CA LYS A 425 -16.64 -1.53 17.26
C LYS A 425 -17.25 -0.74 18.43
N SER A 426 -17.52 0.55 18.23
CA SER A 426 -17.76 1.56 19.29
C SER A 426 -18.34 2.83 18.66
N ALA A 427 -19.00 3.67 19.44
CA ALA A 427 -19.48 4.99 19.01
C ALA A 427 -18.32 5.99 19.05
N ASP A 428 -17.18 5.63 19.64
CA ASP A 428 -16.04 6.55 19.82
C ASP A 428 -15.21 6.65 18.53
N PRO A 429 -15.14 7.84 17.88
CA PRO A 429 -14.38 8.01 16.64
C PRO A 429 -12.86 7.99 16.79
N PHE A 430 -12.38 7.89 18.02
CA PHE A 430 -10.92 7.76 18.34
C PHE A 430 -10.58 6.29 18.54
N ALA A 431 -11.59 5.42 18.66
CA ALA A 431 -11.34 3.98 18.82
C ALA A 431 -10.87 3.42 17.48
N PRO A 432 -10.09 2.33 17.51
CA PRO A 432 -9.73 1.59 16.28
C PRO A 432 -10.95 1.02 15.55
N PRO A 433 -10.92 0.98 14.21
CA PRO A 433 -12.00 0.37 13.45
C PRO A 433 -12.13 -1.12 13.72
N LYS A 434 -13.31 -1.67 13.43
CA LYS A 434 -13.54 -3.13 13.36
C LYS A 434 -13.04 -3.62 12.00
N LEU A 435 -11.89 -4.28 11.99
CA LEU A 435 -11.17 -4.61 10.73
C LEU A 435 -11.20 -6.11 10.56
N SER A 436 -11.62 -6.58 9.39
CA SER A 436 -11.48 -8.01 9.00
C SER A 436 -10.90 -8.12 7.59
N PRO A 437 -9.66 -8.62 7.41
CA PRO A 437 -9.12 -8.81 6.06
C PRO A 437 -9.88 -9.88 5.23
N GLY A 438 -10.52 -10.84 5.89
CA GLY A 438 -11.26 -11.92 5.21
C GLY A 438 -10.36 -12.81 4.38
N TYR A 439 -9.08 -12.94 4.73
CA TYR A 439 -8.19 -13.80 3.91
C TYR A 439 -8.74 -15.23 3.90
N LEU A 440 -8.69 -15.79 2.71
CA LEU A 440 -8.95 -17.21 2.44
C LEU A 440 -10.42 -17.55 2.68
N THR A 441 -11.33 -16.64 2.45
CA THR A 441 -12.77 -16.91 2.67
C THR A 441 -13.47 -17.15 1.35
N ASP A 442 -12.78 -17.04 0.21
CA ASP A 442 -13.48 -17.11 -1.11
C ASP A 442 -14.06 -18.53 -1.25
N LYS A 443 -15.23 -18.63 -1.87
CA LYS A 443 -16.06 -19.87 -1.87
C LYS A 443 -15.30 -21.06 -2.45
N ASP A 444 -14.46 -20.85 -3.48
CA ASP A 444 -13.76 -21.94 -4.21
C ASP A 444 -12.43 -22.31 -3.56
N GLY A 445 -12.00 -21.62 -2.51
CA GLY A 445 -10.66 -21.82 -1.93
C GLY A 445 -9.54 -21.40 -2.90
N ALA A 446 -9.79 -20.49 -3.82
CA ALA A 446 -8.82 -20.07 -4.86
C ALA A 446 -7.58 -19.38 -4.25
N ASP A 447 -7.77 -18.55 -3.22
CA ASP A 447 -6.64 -17.80 -2.59
C ASP A 447 -5.72 -18.77 -1.84
N LEU A 448 -6.30 -19.75 -1.12
CA LEU A 448 -5.47 -20.78 -0.46
C LEU A 448 -4.71 -21.58 -1.52
N ALA A 449 -5.36 -21.98 -2.62
CA ALA A 449 -4.73 -22.78 -3.72
C ALA A 449 -3.58 -21.96 -4.33
N THR A 450 -3.79 -20.69 -4.55
CA THR A 450 -2.73 -19.78 -5.10
C THR A 450 -1.47 -19.87 -4.20
N LEU A 451 -1.64 -19.75 -2.89
CA LEU A 451 -0.51 -19.67 -1.93
C LEU A 451 0.12 -21.05 -1.79
N ARG A 452 -0.68 -22.12 -1.80
CA ARG A 452 -0.15 -23.50 -1.73
C ARG A 452 0.74 -23.74 -2.94
N LYS A 453 0.21 -23.43 -4.11
CA LYS A 453 0.95 -23.54 -5.39
C LYS A 453 2.15 -22.60 -5.41
N GLY A 454 2.05 -21.44 -4.75
CA GLY A 454 3.22 -20.57 -4.56
C GLY A 454 4.33 -21.23 -3.79
N ILE A 455 3.98 -21.89 -2.67
CA ILE A 455 4.98 -22.65 -1.89
C ILE A 455 5.63 -23.71 -2.81
N HIS A 456 4.84 -24.45 -3.61
CA HIS A 456 5.41 -25.48 -4.53
C HIS A 456 6.38 -24.78 -5.48
N TRP A 457 5.98 -23.64 -6.01
CA TRP A 457 6.84 -22.88 -6.99
C TRP A 457 8.14 -22.44 -6.34
N ALA A 458 8.08 -21.83 -5.16
CA ALA A 458 9.28 -21.40 -4.41
C ALA A 458 10.19 -22.60 -4.15
N ARG A 459 9.64 -23.77 -3.80
CA ARG A 459 10.47 -24.98 -3.55
C ARG A 459 11.10 -25.46 -4.86
N ASP A 460 10.40 -25.40 -5.99
CA ASP A 460 10.94 -25.75 -7.33
C ASP A 460 12.10 -24.83 -7.67
N VAL A 461 11.92 -23.54 -7.47
CA VAL A 461 13.01 -22.53 -7.66
C VAL A 461 14.21 -22.82 -6.73
N ALA A 462 13.99 -23.10 -5.44
CA ALA A 462 15.09 -23.29 -4.48
C ALA A 462 15.87 -24.57 -4.81
N ARG A 463 15.21 -25.53 -5.45
CA ARG A 463 15.80 -26.86 -5.83
C ARG A 463 16.58 -26.75 -7.13
N SER A 464 16.40 -25.72 -7.93
CA SER A 464 17.05 -25.60 -9.26
C SER A 464 18.56 -25.62 -9.09
N SER A 465 19.34 -25.92 -10.13
CA SER A 465 20.83 -25.91 -10.05
C SER A 465 21.31 -24.53 -9.60
N ALA A 466 20.72 -23.48 -10.15
CA ALA A 466 21.26 -22.10 -9.98
C ALA A 466 21.23 -21.71 -8.49
N LEU A 467 20.15 -22.03 -7.78
CA LEU A 467 20.07 -21.68 -6.35
C LEU A 467 20.63 -22.78 -5.45
N SER A 468 20.58 -24.04 -5.88
CA SER A 468 21.11 -25.21 -5.16
C SER A 468 22.58 -24.98 -4.83
N GLU A 469 23.31 -24.37 -5.77
CA GLU A 469 24.73 -23.92 -5.59
C GLU A 469 24.87 -23.24 -4.22
N TYR A 470 23.93 -22.35 -3.83
CA TYR A 470 24.11 -21.47 -2.65
C TYR A 470 23.44 -22.09 -1.41
N LEU A 471 22.40 -22.89 -1.58
CA LEU A 471 21.50 -23.18 -0.43
C LEU A 471 21.90 -24.47 0.28
N ASP A 472 21.53 -24.55 1.55
CA ASP A 472 21.89 -25.64 2.46
C ASP A 472 20.68 -26.06 3.29
N GLY A 473 19.65 -26.61 2.71
CA GLY A 473 18.45 -27.01 3.47
C GLY A 473 17.34 -25.96 3.35
N GLU A 474 16.32 -26.06 4.19
CA GLU A 474 15.15 -25.15 4.14
C GLU A 474 14.70 -24.88 5.57
N LEU A 475 14.52 -23.62 5.94
CA LEU A 475 14.11 -23.26 7.31
C LEU A 475 12.59 -23.24 7.37
N PHE A 476 11.95 -22.53 6.42
CA PHE A 476 10.48 -22.39 6.36
C PHE A 476 10.01 -22.77 4.98
N PRO A 477 8.87 -23.49 4.86
CA PRO A 477 8.10 -24.02 5.99
C PRO A 477 8.74 -25.20 6.71
N GLY A 478 9.70 -25.82 6.07
CA GLY A 478 10.56 -26.85 6.68
C GLY A 478 10.04 -28.25 6.39
N SER A 479 10.75 -29.26 6.88
CA SER A 479 10.57 -30.67 6.49
C SER A 479 9.29 -31.29 7.07
N GLY A 480 8.68 -30.67 8.08
CA GLY A 480 7.38 -31.09 8.64
C GLY A 480 6.22 -30.64 7.80
N VAL A 481 6.46 -29.89 6.72
CA VAL A 481 5.36 -29.29 5.94
C VAL A 481 5.47 -29.72 4.48
N VAL A 482 4.80 -30.82 4.09
CA VAL A 482 5.05 -31.41 2.76
C VAL A 482 3.74 -31.66 2.04
N SER A 483 2.79 -32.32 2.70
CA SER A 483 1.49 -32.66 2.10
C SER A 483 0.67 -31.39 1.92
N ASP A 484 -0.34 -31.48 1.08
CA ASP A 484 -1.25 -30.34 0.84
C ASP A 484 -1.84 -29.90 2.16
N ASP A 485 -2.32 -30.84 2.98
CA ASP A 485 -2.94 -30.45 4.27
C ASP A 485 -1.87 -29.80 5.16
N GLN A 486 -0.63 -30.30 5.19
CA GLN A 486 0.43 -29.70 6.04
C GLN A 486 0.69 -28.24 5.56
N ILE A 487 0.76 -28.03 4.26
CA ILE A 487 1.01 -26.68 3.69
C ILE A 487 -0.14 -25.75 4.07
N ASP A 488 -1.38 -26.18 3.87
CA ASP A 488 -2.58 -25.34 4.12
C ASP A 488 -2.59 -24.91 5.58
N GLU A 489 -2.21 -25.77 6.51
CA GLU A 489 -2.21 -25.40 7.96
C GLU A 489 -1.07 -24.38 8.18
N TYR A 490 0.09 -24.58 7.54
CA TYR A 490 1.24 -23.64 7.66
C TYR A 490 0.79 -22.25 7.17
N ILE A 491 0.08 -22.20 6.05
CA ILE A 491 -0.45 -20.90 5.51
C ILE A 491 -1.42 -20.27 6.51
N ARG A 492 -2.38 -21.03 7.00
CA ARG A 492 -3.37 -20.52 7.98
CA ARG A 492 -3.38 -20.49 7.96
C ARG A 492 -2.68 -19.86 9.18
N ARG A 493 -1.62 -20.48 9.70
CA ARG A 493 -0.88 -20.02 10.91
C ARG A 493 0.10 -18.87 10.65
N SER A 494 0.55 -18.64 9.42
CA SER A 494 1.66 -17.69 9.08
C SER A 494 1.20 -16.55 8.13
N ILE A 495 0.01 -16.64 7.54
CA ILE A 495 -0.47 -15.65 6.55
C ILE A 495 -0.40 -14.26 7.20
N HIS A 496 0.12 -13.34 6.42
CA HIS A 496 0.28 -11.92 6.82
C HIS A 496 -0.11 -11.01 5.65
N SER A 497 -0.18 -9.71 5.89
CA SER A 497 -0.57 -8.73 4.86
C SER A 497 0.69 -8.40 4.03
N SER A 498 0.56 -8.28 2.70
CA SER A 498 1.53 -7.57 1.84
C SER A 498 1.13 -6.10 1.69
N ASN A 499 0.12 -5.66 2.42
CA ASN A 499 -0.11 -4.22 2.70
C ASN A 499 -0.63 -3.49 1.47
N ALA A 500 -1.69 -3.96 0.87
CA ALA A 500 -2.41 -3.27 -0.22
C ALA A 500 -3.58 -2.50 0.41
N ILE A 501 -4.71 -3.15 0.58
CA ILE A 501 -5.97 -2.64 1.18
C ILE A 501 -6.57 -1.59 0.24
N THR A 502 -7.60 -2.02 -0.51
CA THR A 502 -8.40 -1.18 -1.41
C THR A 502 -9.89 -1.56 -1.35
N GLY A 503 -10.75 -0.68 -1.87
CA GLY A 503 -12.08 -1.04 -2.42
C GLY A 503 -13.23 -0.90 -1.43
N THR A 504 -12.97 -0.31 -0.27
CA THR A 504 -13.96 -0.11 0.80
C THR A 504 -14.94 1.04 0.52
N CYS A 505 -14.72 1.88 -0.50
CA CYS A 505 -15.67 2.93 -0.98
C CYS A 505 -15.75 2.91 -2.51
N LYS A 506 -16.15 1.76 -3.04
CA LYS A 506 -15.96 1.35 -4.44
C LYS A 506 -16.61 2.38 -5.37
N MET A 507 -15.89 2.81 -6.39
CA MET A 507 -16.44 3.53 -7.54
C MET A 507 -17.27 2.56 -8.38
N GLY A 508 -18.37 3.03 -8.92
CA GLY A 508 -19.24 2.20 -9.77
C GLY A 508 -19.89 2.98 -10.90
N ASN A 509 -20.29 2.24 -11.92
CA ASN A 509 -21.21 2.70 -12.99
C ASN A 509 -22.57 3.06 -12.39
N ALA A 510 -23.32 3.93 -13.05
CA ALA A 510 -24.78 4.05 -12.89
C ALA A 510 -25.40 2.66 -12.82
N GLY A 511 -26.19 2.39 -11.78
CA GLY A 511 -26.98 1.15 -11.64
C GLY A 511 -26.25 0.07 -10.84
N ASP A 512 -25.06 0.39 -10.37
CA ASP A 512 -24.28 -0.51 -9.48
C ASP A 512 -24.58 -0.11 -8.04
N SER A 513 -25.45 -0.86 -7.39
CA SER A 513 -25.97 -0.53 -6.05
C SER A 513 -24.97 -0.93 -4.96
N SER A 514 -23.89 -1.66 -5.27
CA SER A 514 -22.82 -1.95 -4.28
C SER A 514 -21.81 -0.77 -4.23
N SER A 515 -21.96 0.21 -5.10
CA SER A 515 -20.94 1.28 -5.22
C SER A 515 -21.20 2.36 -4.16
N VAL A 516 -20.15 3.08 -3.75
CA VAL A 516 -20.21 4.21 -2.78
C VAL A 516 -20.04 5.53 -3.51
N VAL A 517 -19.20 5.56 -4.55
CA VAL A 517 -19.00 6.77 -5.37
C VAL A 517 -19.27 6.45 -6.86
N ASP A 518 -19.60 7.50 -7.60
CA ASP A 518 -19.78 7.47 -9.06
C ASP A 518 -18.43 7.68 -9.74
N ASN A 519 -18.42 7.69 -11.07
CA ASN A 519 -17.15 7.76 -11.83
C ASN A 519 -16.53 9.15 -11.73
N GLN A 520 -17.19 10.12 -11.06
CA GLN A 520 -16.68 11.47 -10.75
C GLN A 520 -16.13 11.50 -9.30
N LEU A 521 -16.14 10.35 -8.63
CA LEU A 521 -15.66 10.12 -7.24
C LEU A 521 -16.54 10.84 -6.22
N ARG A 522 -17.81 11.12 -6.56
CA ARG A 522 -18.76 11.74 -5.62
C ARG A 522 -19.51 10.66 -4.85
N VAL A 523 -19.62 10.85 -3.55
CA VAL A 523 -20.37 9.95 -2.65
C VAL A 523 -21.87 10.06 -3.03
N HIS A 524 -22.51 8.93 -3.30
CA HIS A 524 -23.97 8.85 -3.58
C HIS A 524 -24.77 9.50 -2.44
N GLY A 525 -25.65 10.47 -2.77
CA GLY A 525 -26.64 11.00 -1.82
C GLY A 525 -26.09 12.13 -0.98
N VAL A 526 -24.85 12.58 -1.21
CA VAL A 526 -24.31 13.75 -0.47
C VAL A 526 -23.75 14.70 -1.51
N GLU A 527 -24.09 15.98 -1.41
CA GLU A 527 -23.47 17.03 -2.24
C GLU A 527 -22.18 17.49 -1.55
N GLY A 528 -21.18 17.88 -2.33
CA GLY A 528 -19.92 18.45 -1.82
C GLY A 528 -19.05 17.44 -1.07
N LEU A 529 -19.21 16.16 -1.30
CA LEU A 529 -18.41 15.10 -0.65
C LEU A 529 -17.85 14.14 -1.72
N ARG A 530 -16.53 13.97 -1.75
CA ARG A 530 -15.90 13.02 -2.69
C ARG A 530 -14.93 12.12 -1.92
N VAL A 531 -14.53 11.00 -2.54
CA VAL A 531 -13.49 10.09 -1.99
C VAL A 531 -12.41 10.01 -3.05
N VAL A 532 -11.17 10.31 -2.65
CA VAL A 532 -10.00 10.19 -3.55
C VAL A 532 -8.88 9.53 -2.73
N ASP A 533 -8.84 8.20 -2.77
CA ASP A 533 -7.85 7.36 -2.07
C ASP A 533 -8.10 5.94 -2.53
N ALA A 534 -7.36 4.97 -1.95
CA ALA A 534 -7.43 3.58 -2.40
C ALA A 534 -8.85 3.00 -2.21
N SER A 535 -9.68 3.59 -1.32
CA SER A 535 -11.07 3.14 -1.03
CA SER A 535 -11.04 3.04 -1.04
C SER A 535 -11.83 2.96 -2.35
N VAL A 536 -11.57 3.79 -3.34
CA VAL A 536 -12.45 3.87 -4.56
C VAL A 536 -12.13 2.75 -5.55
N VAL A 537 -10.98 2.10 -5.42
CA VAL A 537 -10.56 1.05 -6.39
C VAL A 537 -11.61 -0.07 -6.44
N PRO A 538 -12.28 -0.29 -7.59
CA PRO A 538 -13.32 -1.32 -7.69
C PRO A 538 -12.79 -2.73 -7.51
N LYS A 539 -11.67 -3.05 -8.15
CA LYS A 539 -11.08 -4.41 -8.13
C LYS A 539 -9.57 -4.23 -8.09
N ILE A 540 -8.90 -4.82 -7.10
CA ILE A 540 -7.47 -4.52 -6.86
C ILE A 540 -6.63 -4.97 -8.07
N PRO A 541 -5.74 -4.11 -8.60
CA PRO A 541 -4.77 -4.55 -9.62
C PRO A 541 -3.70 -5.47 -9.02
N GLY A 542 -3.04 -6.27 -9.86
CA GLY A 542 -1.91 -7.11 -9.45
C GLY A 542 -0.76 -6.19 -9.09
N GLY A 543 -0.01 -6.51 -8.05
CA GLY A 543 1.10 -5.65 -7.61
C GLY A 543 0.66 -4.67 -6.55
N GLN A 544 1.64 -3.92 -6.05
CA GLN A 544 1.43 -2.95 -4.94
C GLN A 544 0.60 -1.74 -5.42
N THR A 545 -0.15 -1.14 -4.50
CA THR A 545 -1.30 -0.22 -4.83
C THR A 545 -0.99 1.28 -4.79
N GLY A 546 0.21 1.72 -4.42
CA GLY A 546 0.55 3.15 -4.28
C GLY A 546 0.49 3.89 -5.62
N ALA A 547 1.06 3.36 -6.69
CA ALA A 547 1.04 4.10 -7.97
C ALA A 547 -0.40 4.29 -8.47
N PRO A 548 -1.29 3.27 -8.43
CA PRO A 548 -2.69 3.50 -8.83
C PRO A 548 -3.39 4.59 -8.01
N VAL A 549 -3.08 4.73 -6.71
CA VAL A 549 -3.64 5.80 -5.84
C VAL A 549 -3.17 7.15 -6.39
N VAL A 550 -1.91 7.29 -6.75
CA VAL A 550 -1.39 8.60 -7.23
C VAL A 550 -2.06 8.91 -8.58
N MET A 551 -2.24 7.93 -9.43
CA MET A 551 -2.93 8.10 -10.74
C MET A 551 -4.35 8.62 -10.48
N ILE A 552 -5.09 8.00 -9.56
CA ILE A 552 -6.50 8.42 -9.27
C ILE A 552 -6.49 9.86 -8.78
N ALA A 553 -5.59 10.19 -7.89
CA ALA A 553 -5.48 11.55 -7.28
C ALA A 553 -5.13 12.57 -8.36
N GLU A 554 -4.24 12.25 -9.29
CA GLU A 554 -3.87 13.19 -10.37
C GLU A 554 -5.12 13.44 -11.24
N ARG A 555 -5.82 12.38 -11.61
CA ARG A 555 -7.00 12.49 -12.48
C ARG A 555 -8.11 13.23 -11.73
N ALA A 556 -8.33 12.93 -10.46
CA ALA A 556 -9.34 13.67 -9.64
C ALA A 556 -9.03 15.17 -9.59
N ALA A 557 -7.78 15.54 -9.35
CA ALA A 557 -7.35 16.96 -9.37
C ALA A 557 -7.66 17.59 -10.73
N ALA A 558 -7.43 16.89 -11.84
CA ALA A 558 -7.65 17.43 -13.20
C ALA A 558 -9.18 17.61 -13.41
N LEU A 559 -9.99 16.69 -12.90
CA LEU A 559 -11.46 16.82 -12.88
C LEU A 559 -11.87 18.07 -12.07
N LEU A 560 -11.41 18.20 -10.84
CA LEU A 560 -11.88 19.26 -9.92
C LEU A 560 -11.48 20.65 -10.45
N THR A 561 -10.32 20.77 -11.09
CA THR A 561 -9.80 22.06 -11.60
C THR A 561 -10.31 22.33 -13.01
N GLY A 562 -11.13 21.45 -13.59
CA GLY A 562 -11.71 21.62 -14.93
C GLY A 562 -10.71 21.42 -16.06
N LYS A 563 -9.60 20.73 -15.84
CA LYS A 563 -8.64 20.48 -16.94
C LYS A 563 -9.03 19.19 -17.65
N ALA A 564 -9.84 18.34 -17.05
CA ALA A 564 -10.28 17.12 -17.76
C ALA A 564 -11.70 16.77 -17.35
N THR A 565 -12.38 16.00 -18.19
CA THR A 565 -13.70 15.40 -17.88
C THR A 565 -13.48 13.89 -17.80
N ILE A 566 -14.40 13.19 -17.13
CA ILE A 566 -14.47 11.71 -17.12
C ILE A 566 -15.79 11.24 -17.71
N GLY A 567 -15.72 10.34 -18.71
CA GLY A 567 -16.84 9.98 -19.61
C GLY A 567 -16.88 10.95 -20.77
N ALA A 568 -17.23 10.51 -21.99
CA ALA A 568 -17.50 11.37 -23.18
C ALA A 568 -17.50 10.51 -24.43
#